data_9FAH
#
_entry.id   9FAH
#
_cell.length_a   56.881
_cell.length_b   66.726
_cell.length_c   73.949
_cell.angle_alpha   90.000
_cell.angle_beta   97.747
_cell.angle_gamma   90.000
#
_symmetry.space_group_name_H-M   'P 1 21 1'
#
loop_
_entity.id
_entity.type
_entity.pdbx_description
1 polymer Fiber
2 non-polymer 'methyl 4-O-acetyl-5-acetamido-3,5-dideoxy-D-glycero-alpha-D-galacto-non-2-ulopyranosidonic acid'
3 non-polymer 'ZINC ION'
4 non-polymer 'ACETATE ION'
5 non-polymer 'CHLORIDE ION'
6 water water
#
_entity_poly.entity_id   1
_entity_poly.type   'polypeptide(L)'
_entity_poly.pdbx_seq_one_letter_code
;MSKRLRVEDDFNPVYPYGYARNQNIPFLTPPFVSSDGFKNFPPGVLSLKLADPITITNGDVSLKVGGGLTLQDGSLTVNP
KAPLQVNTDKKLELAYDNPFESSANKLSLKVGHGLKVLDEKSAAGLKDLIGKLVVLTGKGIGTENLENTDGSSRGIGINV
RAREGLTFDNDGYLVAWNPKNDTRTLWTTPDTSPNCTIAQDKDSKLTLVLTKCGSQILANVSLIVVAGKYHIINNKTNPK
IKSFTIKLLFNKNGVLLDNSNLGKAYWNFRSGNSNVSTAYEKAIGFMPNLVAYPKPSNSKKYARDIVYGTIYLGGKPDQP
AVIKTTFNQETGCEYSITFNFSWSKTYENVEFETTSFTFSYIAQE
;
_entity_poly.pdbx_strand_id   A,B,C
#
# COMPACT_ATOMS: atom_id res chain seq x y z
N ASN A 181 14.05 13.52 -17.68
CA ASN A 181 14.88 12.32 -17.54
C ASN A 181 14.92 11.81 -16.10
N ASP A 182 13.86 11.13 -15.69
CA ASP A 182 13.67 10.66 -14.30
C ASP A 182 14.37 9.31 -14.15
N THR A 183 15.61 9.33 -13.64
CA THR A 183 16.37 8.10 -13.43
C THR A 183 15.87 7.30 -12.23
N ARG A 184 14.88 7.79 -11.50
CA ARG A 184 14.34 7.08 -10.35
C ARG A 184 13.04 6.35 -10.65
N THR A 185 12.57 6.37 -11.89
CA THR A 185 11.31 5.73 -12.28
C THR A 185 11.52 4.92 -13.54
N LEU A 186 11.25 3.63 -13.46
CA LEU A 186 11.08 2.75 -14.61
C LEU A 186 9.58 2.57 -14.81
N TRP A 187 9.10 2.74 -16.05
CA TRP A 187 7.66 2.61 -16.24
C TRP A 187 7.33 2.17 -17.67
N THR A 188 6.04 1.88 -17.86
CA THR A 188 5.45 1.52 -19.15
C THR A 188 4.92 2.69 -19.96
N THR A 189 5.04 3.93 -19.47
CA THR A 189 4.32 5.14 -19.88
C THR A 189 2.85 4.99 -19.50
N PRO A 190 2.13 6.10 -19.31
CA PRO A 190 0.75 6.03 -18.84
C PRO A 190 -0.31 6.05 -19.94
N ASP A 191 0.03 5.86 -21.22
CA ASP A 191 -0.97 5.89 -22.28
C ASP A 191 -1.73 4.57 -22.32
N THR A 192 -2.60 4.37 -23.32
CA THR A 192 -3.39 3.15 -23.40
C THR A 192 -2.99 2.24 -24.55
N SER A 193 -1.85 2.50 -25.19
CA SER A 193 -1.36 1.66 -26.28
C SER A 193 -1.01 0.27 -25.77
N PRO A 194 -1.57 -0.80 -26.33
CA PRO A 194 -1.27 -2.15 -25.83
C PRO A 194 0.21 -2.43 -25.86
N ASN A 195 0.67 -3.07 -24.81
CA ASN A 195 2.11 -3.31 -24.63
C ASN A 195 2.38 -4.70 -24.09
N CYS A 196 1.36 -5.55 -24.00
CA CYS A 196 1.46 -6.77 -23.24
C CYS A 196 0.71 -7.88 -23.95
N THR A 197 1.23 -9.11 -23.85
CA THR A 197 0.66 -10.27 -24.55
C THR A 197 0.30 -11.29 -23.48
N ILE A 198 -0.99 -11.52 -23.29
CA ILE A 198 -1.47 -12.49 -22.30
C ILE A 198 -1.84 -13.76 -23.04
N ALA A 199 -2.74 -13.66 -23.99
CA ALA A 199 -3.17 -14.81 -24.76
C ALA A 199 -2.90 -14.65 -26.24
N GLN A 200 -2.95 -13.43 -26.76
CA GLN A 200 -2.60 -13.14 -28.14
C GLN A 200 -1.79 -11.85 -28.14
N ASP A 201 -1.08 -11.60 -29.24
CA ASP A 201 -0.16 -10.48 -29.32
C ASP A 201 -0.83 -9.14 -29.01
N LYS A 202 -0.23 -8.40 -28.07
CA LYS A 202 -0.64 -7.03 -27.74
C LYS A 202 -2.12 -6.94 -27.39
N ASP A 203 -2.58 -7.88 -26.56
CA ASP A 203 -3.99 -7.89 -26.18
C ASP A 203 -4.26 -7.12 -24.89
N SER A 204 -3.26 -6.47 -24.31
CA SER A 204 -3.50 -5.74 -23.08
C SER A 204 -2.51 -4.60 -22.92
N LYS A 205 -2.89 -3.64 -22.07
CA LYS A 205 -2.00 -2.58 -21.58
C LYS A 205 -1.79 -2.79 -20.09
N LEU A 206 -0.57 -3.17 -19.72
CA LEU A 206 -0.16 -3.18 -18.33
C LEU A 206 0.44 -1.80 -18.04
N THR A 207 -0.15 -1.07 -17.09
CA THR A 207 0.43 0.19 -16.66
C THR A 207 1.17 -0.12 -15.36
N LEU A 208 2.50 -0.01 -15.39
CA LEU A 208 3.32 -0.35 -14.23
C LEU A 208 4.33 0.75 -14.05
N VAL A 209 4.37 1.34 -12.85
CA VAL A 209 5.33 2.38 -12.51
C VAL A 209 6.14 1.91 -11.32
N LEU A 210 7.46 1.84 -11.48
CA LEU A 210 8.37 1.48 -10.40
C LEU A 210 9.20 2.69 -10.01
N THR A 211 9.01 3.20 -8.79
CA THR A 211 9.74 4.38 -8.35
C THR A 211 10.70 4.02 -7.24
N LYS A 212 11.97 4.36 -7.41
CA LYS A 212 12.94 3.93 -6.44
C LYS A 212 12.95 4.92 -5.28
N CYS A 213 12.58 4.45 -4.10
CA CYS A 213 12.74 5.21 -2.86
C CYS A 213 13.82 4.53 -2.04
N GLY A 214 15.05 4.62 -2.51
CA GLY A 214 16.16 3.99 -1.81
C GLY A 214 16.02 2.47 -1.75
N SER A 215 15.92 1.94 -0.53
CA SER A 215 15.90 0.49 -0.32
C SER A 215 14.59 -0.16 -0.71
N GLN A 216 13.55 0.62 -0.99
CA GLN A 216 12.29 0.05 -1.42
C GLN A 216 11.90 0.65 -2.76
N ILE A 217 11.29 -0.19 -3.58
CA ILE A 217 10.64 0.20 -4.82
C ILE A 217 9.16 0.37 -4.52
N LEU A 218 8.64 1.57 -4.80
CA LEU A 218 7.20 1.83 -4.72
C LEU A 218 6.59 1.53 -6.08
N ALA A 219 5.60 0.65 -6.11
CA ALA A 219 5.06 0.16 -7.37
C ALA A 219 3.59 0.48 -7.47
N ASN A 220 3.16 0.88 -8.66
CA ASN A 220 1.76 1.17 -8.94
C ASN A 220 1.36 0.41 -10.20
N VAL A 221 0.25 -0.36 -10.16
CA VAL A 221 -0.09 -1.22 -11.30
C VAL A 221 -1.59 -1.17 -11.59
N SER A 222 -1.95 -1.27 -12.88
CA SER A 222 -3.32 -1.51 -13.33
C SER A 222 -3.26 -2.27 -14.65
N LEU A 223 -4.39 -2.83 -15.07
CA LEU A 223 -4.41 -3.63 -16.31
C LEU A 223 -5.65 -3.33 -17.12
N ILE A 224 -5.48 -3.18 -18.43
CA ILE A 224 -6.60 -3.06 -19.39
C ILE A 224 -6.42 -4.17 -20.41
N VAL A 225 -7.34 -5.13 -20.47
CA VAL A 225 -7.27 -6.14 -21.51
C VAL A 225 -8.14 -5.60 -22.63
N VAL A 226 -7.56 -5.47 -23.83
CA VAL A 226 -8.23 -4.78 -24.92
C VAL A 226 -8.77 -5.73 -25.98
N ALA A 227 -8.33 -6.98 -25.99
CA ALA A 227 -8.73 -7.91 -27.03
C ALA A 227 -8.51 -9.33 -26.53
N GLY A 228 -9.07 -10.29 -27.28
CA GLY A 228 -8.75 -11.67 -27.02
C GLY A 228 -9.56 -12.30 -25.90
N LYS A 229 -9.05 -13.46 -25.48
CA LYS A 229 -9.78 -14.36 -24.60
C LYS A 229 -10.13 -13.74 -23.26
N TYR A 230 -9.33 -12.78 -22.77
CA TYR A 230 -9.60 -12.23 -21.46
C TYR A 230 -10.22 -10.83 -21.51
N HIS A 231 -10.61 -10.35 -22.69
CA HIS A 231 -11.14 -9.00 -22.80
C HIS A 231 -12.49 -8.88 -22.09
N ILE A 232 -13.37 -9.85 -22.31
CA ILE A 232 -14.69 -9.91 -21.69
C ILE A 232 -14.79 -11.22 -20.92
N ILE A 233 -15.05 -11.12 -19.63
CA ILE A 233 -15.18 -12.32 -18.82
C ILE A 233 -16.63 -12.77 -18.87
N ASN A 234 -16.86 -14.04 -19.15
CA ASN A 234 -18.20 -14.60 -19.04
C ASN A 234 -18.08 -16.00 -18.44
N ASN A 235 -18.27 -16.10 -17.14
CA ASN A 235 -18.17 -17.38 -16.45
C ASN A 235 -19.43 -18.21 -16.53
N LYS A 236 -20.49 -17.68 -17.11
CA LYS A 236 -21.64 -18.52 -17.43
C LYS A 236 -21.29 -19.51 -18.54
N THR A 237 -20.55 -19.05 -19.54
CA THR A 237 -20.13 -19.94 -20.63
C THR A 237 -18.93 -20.79 -20.25
N ASN A 238 -17.88 -20.17 -19.70
CA ASN A 238 -16.64 -20.86 -19.35
C ASN A 238 -16.36 -20.62 -17.86
N PRO A 239 -16.97 -21.42 -16.99
CA PRO A 239 -16.78 -21.21 -15.54
C PRO A 239 -15.37 -21.51 -15.04
N LYS A 240 -14.51 -22.12 -15.86
CA LYS A 240 -13.16 -22.49 -15.46
C LYS A 240 -12.11 -21.45 -15.81
N ILE A 241 -12.47 -20.44 -16.60
CA ILE A 241 -11.57 -19.36 -16.96
C ILE A 241 -11.66 -18.33 -15.83
N LYS A 242 -10.77 -18.45 -14.84
CA LYS A 242 -10.82 -17.65 -13.63
C LYS A 242 -9.50 -17.00 -13.29
N SER A 243 -8.49 -17.08 -14.17
CA SER A 243 -7.19 -16.52 -13.82
C SER A 243 -6.30 -16.45 -15.04
N PHE A 244 -5.29 -15.57 -14.95
CA PHE A 244 -4.23 -15.53 -15.94
C PHE A 244 -3.01 -14.86 -15.33
N THR A 245 -1.87 -15.01 -16.01
CA THR A 245 -0.62 -14.51 -15.43
C THR A 245 0.13 -13.63 -16.42
N ILE A 246 0.76 -12.58 -15.90
CA ILE A 246 1.66 -11.72 -16.68
C ILE A 246 3.03 -11.78 -16.02
N LYS A 247 4.06 -12.14 -16.79
CA LYS A 247 5.41 -12.29 -16.24
C LYS A 247 6.34 -11.22 -16.78
N LEU A 248 7.11 -10.60 -15.88
CA LEU A 248 8.24 -9.75 -16.25
C LEU A 248 9.52 -10.47 -15.80
N LEU A 249 10.38 -10.80 -16.76
CA LEU A 249 11.60 -11.56 -16.52
C LEU A 249 12.78 -10.65 -16.82
N PHE A 250 13.78 -10.65 -15.94
CA PHE A 250 14.90 -9.74 -16.10
C PHE A 250 16.21 -10.52 -16.07
N ASN A 251 17.18 -10.04 -16.83
CA ASN A 251 18.47 -10.70 -16.81
C ASN A 251 19.34 -10.11 -15.70
N LYS A 252 20.63 -10.49 -15.69
CA LYS A 252 21.51 -10.08 -14.58
C LYS A 252 21.74 -8.57 -14.51
N ASN A 253 21.51 -7.83 -15.60
CA ASN A 253 21.62 -6.38 -15.57
C ASN A 253 20.28 -5.68 -15.28
N GLY A 254 19.23 -6.42 -14.97
CA GLY A 254 17.92 -5.82 -14.79
C GLY A 254 17.19 -5.45 -16.05
N VAL A 255 17.63 -5.97 -17.20
CA VAL A 255 17.02 -5.68 -18.50
C VAL A 255 15.91 -6.67 -18.75
N LEU A 256 14.77 -6.18 -19.23
CA LEU A 256 13.61 -7.02 -19.49
C LEU A 256 13.89 -8.02 -20.60
N LEU A 257 13.56 -9.29 -20.36
CA LEU A 257 13.78 -10.34 -21.35
C LEU A 257 12.59 -10.46 -22.29
N ASP A 258 12.89 -10.83 -23.54
CA ASP A 258 11.87 -10.83 -24.60
C ASP A 258 10.81 -11.89 -24.41
N ASN A 259 11.03 -12.91 -23.58
CA ASN A 259 9.94 -13.85 -23.34
C ASN A 259 9.03 -13.41 -22.21
N SER A 260 9.22 -12.20 -21.66
CA SER A 260 8.23 -11.61 -20.76
C SER A 260 6.93 -11.33 -21.51
N ASN A 261 5.81 -11.29 -20.77
CA ASN A 261 4.55 -10.94 -21.42
C ASN A 261 4.54 -9.48 -21.82
N LEU A 262 5.23 -8.64 -21.05
CA LEU A 262 5.37 -7.22 -21.36
C LEU A 262 6.39 -7.03 -22.47
N GLY A 263 6.04 -6.18 -23.44
CA GLY A 263 6.94 -5.89 -24.53
C GLY A 263 8.07 -4.96 -24.14
N LYS A 264 9.22 -5.17 -24.77
CA LYS A 264 10.39 -4.38 -24.41
C LYS A 264 10.34 -2.96 -24.95
N ALA A 265 9.56 -2.69 -26.01
CA ALA A 265 9.63 -1.37 -26.63
C ALA A 265 9.14 -0.28 -25.70
N TYR A 266 8.32 -0.65 -24.73
CA TYR A 266 7.50 0.25 -23.93
C TYR A 266 8.03 0.47 -22.52
N TRP A 267 9.13 -0.18 -22.16
CA TRP A 267 9.59 -0.31 -20.78
C TRP A 267 10.94 0.37 -20.65
N ASN A 268 10.99 1.48 -19.92
CA ASN A 268 12.20 2.28 -19.87
C ASN A 268 12.10 3.30 -18.76
N PHE A 269 13.21 4.01 -18.53
CA PHE A 269 13.16 5.15 -17.62
C PHE A 269 12.29 6.25 -18.17
N ARG A 270 11.70 7.03 -17.26
CA ARG A 270 10.70 8.03 -17.62
C ARG A 270 11.38 9.29 -18.14
N SER A 271 10.79 9.90 -19.18
CA SER A 271 11.12 11.26 -19.57
C SER A 271 9.79 11.95 -19.88
N GLY A 272 9.37 12.85 -18.99
CA GLY A 272 8.08 13.49 -19.21
C GLY A 272 6.97 12.47 -19.09
N ASN A 273 6.04 12.47 -20.06
CA ASN A 273 5.02 11.42 -20.13
C ASN A 273 5.41 10.30 -21.07
N SER A 274 6.66 10.26 -21.49
CA SER A 274 7.18 9.22 -22.37
C SER A 274 8.38 8.57 -21.70
N ASN A 275 9.25 7.98 -22.51
CA ASN A 275 10.45 7.29 -22.07
C ASN A 275 11.69 8.03 -22.57
N VAL A 276 12.81 7.79 -21.89
CA VAL A 276 14.07 8.24 -22.44
C VAL A 276 14.29 7.58 -23.80
N SER A 277 15.13 8.21 -24.63
CA SER A 277 15.18 7.87 -26.04
C SER A 277 15.86 6.53 -26.31
N THR A 278 16.84 6.14 -25.51
CA THR A 278 17.59 4.91 -25.73
C THR A 278 17.26 3.87 -24.67
N ALA A 279 17.25 2.61 -25.07
CA ALA A 279 16.91 1.54 -24.14
C ALA A 279 17.96 1.44 -23.05
N TYR A 280 17.53 1.27 -21.80
CA TYR A 280 18.49 1.27 -20.71
C TYR A 280 19.37 0.03 -20.73
N GLU A 281 20.57 0.17 -20.16
CA GLU A 281 21.49 -0.97 -20.10
C GLU A 281 21.57 -1.62 -18.73
N LYS A 282 21.25 -0.89 -17.65
CA LYS A 282 21.34 -1.41 -16.28
C LYS A 282 20.19 -0.87 -15.44
N ALA A 283 19.57 -1.74 -14.64
CA ALA A 283 18.54 -1.28 -13.71
C ALA A 283 18.51 -2.18 -12.48
N ILE A 284 19.69 -2.58 -11.99
CA ILE A 284 19.73 -3.51 -10.86
C ILE A 284 19.10 -2.90 -9.61
N GLY A 285 19.15 -1.58 -9.49
CA GLY A 285 18.57 -0.92 -8.34
C GLY A 285 17.06 -1.02 -8.28
N PHE A 286 16.40 -1.49 -9.33
CA PHE A 286 14.95 -1.67 -9.36
C PHE A 286 14.53 -3.13 -9.22
N MET A 287 15.49 -4.05 -9.15
CA MET A 287 15.17 -5.48 -9.11
C MET A 287 14.78 -5.93 -7.71
N PRO A 288 13.91 -6.94 -7.59
CA PRO A 288 13.58 -7.47 -6.25
C PRO A 288 14.78 -8.15 -5.61
N ASN A 289 15.02 -7.82 -4.35
CA ASN A 289 16.19 -8.27 -3.61
C ASN A 289 16.22 -9.80 -3.50
N LEU A 290 17.37 -10.38 -3.87
CA LEU A 290 17.48 -11.84 -3.94
C LEU A 290 17.66 -12.49 -2.58
N VAL A 291 18.11 -11.74 -1.56
CA VAL A 291 18.10 -12.31 -0.22
C VAL A 291 16.70 -12.29 0.36
N ALA A 292 15.95 -11.19 0.17
CA ALA A 292 14.56 -11.15 0.65
C ALA A 292 13.69 -12.15 -0.10
N TYR A 293 13.93 -12.29 -1.41
CA TYR A 293 13.09 -13.07 -2.31
C TYR A 293 13.99 -13.98 -3.13
N PRO A 294 14.37 -15.13 -2.58
CA PRO A 294 15.32 -16.01 -3.26
C PRO A 294 14.74 -16.72 -4.48
N LYS A 295 15.62 -17.09 -5.41
CA LYS A 295 15.21 -17.86 -6.60
C LYS A 295 14.64 -19.24 -6.25
N PRO A 296 13.90 -19.86 -7.18
CA PRO A 296 13.26 -21.15 -6.88
C PRO A 296 14.23 -22.26 -6.52
N SER A 297 15.53 -22.08 -6.76
CA SER A 297 16.45 -23.13 -6.37
C SER A 297 16.65 -23.17 -4.86
N ASN A 298 16.17 -22.14 -4.15
CA ASN A 298 16.36 -22.02 -2.71
C ASN A 298 15.83 -23.24 -1.96
N SER A 299 16.48 -23.57 -0.85
CA SER A 299 16.03 -24.64 0.04
C SER A 299 14.54 -24.52 0.36
N LYS A 300 14.13 -23.35 0.85
CA LYS A 300 12.78 -23.07 1.33
C LYS A 300 12.20 -21.91 0.55
N LYS A 301 10.94 -22.05 0.14
CA LYS A 301 10.21 -20.96 -0.50
C LYS A 301 9.43 -20.24 0.60
N TYR A 302 9.57 -18.92 0.70
CA TYR A 302 8.91 -18.18 1.78
C TYR A 302 7.75 -17.38 1.23
N ALA A 303 6.68 -17.28 2.00
CA ALA A 303 5.53 -16.53 1.50
C ALA A 303 5.80 -15.03 1.42
N ARG A 304 6.87 -14.53 2.05
CA ARG A 304 7.06 -13.08 2.00
C ARG A 304 7.41 -12.60 0.58
N ASP A 305 7.71 -13.50 -0.36
CA ASP A 305 7.94 -13.07 -1.74
C ASP A 305 6.65 -12.83 -2.50
N ILE A 306 5.52 -12.83 -1.80
CA ILE A 306 4.21 -12.60 -2.39
C ILE A 306 3.57 -11.36 -1.76
N VAL A 307 2.91 -10.54 -2.58
CA VAL A 307 2.00 -9.50 -2.09
C VAL A 307 0.62 -9.72 -2.72
N TYR A 308 -0.43 -9.68 -1.91
CA TYR A 308 -1.80 -9.77 -2.44
C TYR A 308 -2.50 -8.41 -2.39
N GLY A 309 -3.30 -8.12 -3.41
CA GLY A 309 -4.16 -6.95 -3.34
C GLY A 309 -5.45 -7.27 -4.08
N THR A 310 -6.44 -6.39 -3.97
CA THR A 310 -7.69 -6.55 -4.70
C THR A 310 -7.89 -5.33 -5.59
N ILE A 311 -8.24 -5.54 -6.85
CA ILE A 311 -8.63 -4.43 -7.70
C ILE A 311 -10.06 -4.68 -8.17
N TYR A 312 -10.65 -3.74 -8.89
CA TYR A 312 -12.08 -3.79 -9.20
C TYR A 312 -12.29 -3.58 -10.69
N LEU A 313 -12.98 -4.53 -11.31
CA LEU A 313 -13.18 -4.50 -12.75
C LEU A 313 -14.20 -3.42 -13.09
N GLY A 314 -13.87 -2.55 -14.05
CA GLY A 314 -14.73 -1.46 -14.43
C GLY A 314 -14.93 -0.45 -13.33
N GLY A 315 -14.10 -0.52 -12.29
CA GLY A 315 -14.27 0.38 -11.18
C GLY A 315 -15.50 0.11 -10.35
N LYS A 316 -16.14 -1.05 -10.52
CA LYS A 316 -17.36 -1.35 -9.77
C LYS A 316 -17.01 -2.05 -8.46
N PRO A 317 -17.56 -1.61 -7.33
CA PRO A 317 -17.10 -2.16 -6.05
C PRO A 317 -17.53 -3.61 -5.82
N ASP A 318 -18.52 -4.12 -6.59
CA ASP A 318 -18.92 -5.51 -6.45
C ASP A 318 -18.30 -6.39 -7.54
N GLN A 319 -17.23 -5.93 -8.19
CA GLN A 319 -16.50 -6.74 -9.16
C GLN A 319 -15.02 -6.83 -8.79
N PRO A 320 -14.71 -7.38 -7.63
CA PRO A 320 -13.32 -7.56 -7.25
C PRO A 320 -12.63 -8.65 -8.06
N ALA A 321 -11.32 -8.46 -8.23
CA ALA A 321 -10.44 -9.52 -8.70
C ALA A 321 -9.16 -9.41 -7.90
N VAL A 322 -8.48 -10.53 -7.70
CA VAL A 322 -7.28 -10.56 -6.88
C VAL A 322 -6.07 -10.36 -7.78
N ILE A 323 -5.14 -9.48 -7.37
CA ILE A 323 -3.85 -9.41 -8.02
C ILE A 323 -2.81 -9.98 -7.06
N LYS A 324 -2.14 -11.04 -7.47
CA LYS A 324 -1.13 -11.68 -6.67
C LYS A 324 0.20 -11.40 -7.34
N THR A 325 1.09 -10.70 -6.65
CA THR A 325 2.39 -10.34 -7.20
C THR A 325 3.46 -11.18 -6.51
N THR A 326 4.31 -11.84 -7.29
CA THR A 326 5.33 -12.73 -6.71
C THR A 326 6.69 -12.31 -7.24
N PHE A 327 7.69 -12.26 -6.36
CA PHE A 327 9.04 -11.85 -6.73
C PHE A 327 10.00 -13.03 -6.87
N ASN A 328 10.74 -13.05 -8.00
CA ASN A 328 11.90 -13.93 -8.21
C ASN A 328 11.53 -15.41 -8.14
N GLN A 329 10.36 -15.79 -8.66
CA GLN A 329 9.98 -17.19 -8.64
C GLN A 329 9.95 -17.83 -10.03
N GLU A 330 10.41 -17.12 -11.05
CA GLU A 330 10.53 -17.70 -12.39
C GLU A 330 11.94 -18.21 -12.62
N THR A 331 12.07 -19.21 -13.50
CA THR A 331 13.40 -19.67 -13.89
C THR A 331 13.76 -19.10 -15.26
N GLY A 332 15.00 -19.33 -15.67
CA GLY A 332 15.46 -18.79 -16.93
C GLY A 332 15.73 -17.30 -16.90
N CYS A 333 15.98 -16.73 -15.72
CA CYS A 333 16.20 -15.30 -15.55
C CYS A 333 16.94 -15.08 -14.22
N GLU A 334 17.42 -13.85 -14.01
CA GLU A 334 18.01 -13.54 -12.69
C GLU A 334 16.98 -13.02 -11.72
N TYR A 335 16.03 -12.24 -12.22
CA TYR A 335 15.00 -11.59 -11.40
C TYR A 335 13.67 -11.72 -12.11
N SER A 336 12.58 -11.63 -11.35
CA SER A 336 11.28 -11.62 -12.03
C SER A 336 10.23 -10.98 -11.14
N ILE A 337 9.22 -10.40 -11.78
CA ILE A 337 7.98 -9.95 -11.12
C ILE A 337 6.85 -10.61 -11.88
N THR A 338 6.00 -11.39 -11.20
CA THR A 338 4.88 -12.09 -11.84
CA THR A 338 4.88 -11.99 -11.90
C THR A 338 3.58 -11.55 -11.26
N PHE A 339 2.61 -11.20 -12.13
CA PHE A 339 1.28 -10.76 -11.70
C PHE A 339 0.29 -11.86 -12.07
N ASN A 340 -0.40 -12.42 -11.08
CA ASN A 340 -1.47 -13.38 -11.38
C ASN A 340 -2.79 -12.70 -11.04
N PHE A 341 -3.71 -12.65 -11.99
CA PHE A 341 -5.02 -12.04 -11.81
C PHE A 341 -6.01 -13.18 -11.72
N SER A 342 -6.88 -13.15 -10.73
CA SER A 342 -7.85 -14.23 -10.62
C SER A 342 -9.12 -13.67 -9.97
N TRP A 343 -10.20 -14.42 -10.09
CA TRP A 343 -11.44 -13.97 -9.45
C TRP A 343 -12.27 -15.20 -9.13
N SER A 344 -13.16 -15.06 -8.15
CA SER A 344 -13.96 -16.19 -7.71
C SER A 344 -15.44 -16.01 -7.94
N LYS A 345 -15.90 -14.80 -8.28
CA LYS A 345 -17.29 -14.56 -8.63
C LYS A 345 -17.61 -15.00 -10.05
N THR A 346 -18.90 -15.25 -10.30
CA THR A 346 -19.37 -15.61 -11.63
C THR A 346 -19.73 -14.31 -12.34
N TYR A 347 -18.81 -13.80 -13.16
CA TYR A 347 -19.04 -12.57 -13.90
C TYR A 347 -19.66 -12.88 -15.26
N GLU A 348 -20.54 -12.01 -15.72
CA GLU A 348 -21.27 -12.19 -16.97
C GLU A 348 -21.06 -10.96 -17.84
N ASN A 349 -20.24 -11.09 -18.87
CA ASN A 349 -19.95 -10.00 -19.78
C ASN A 349 -19.35 -8.80 -19.05
N VAL A 350 -18.29 -9.06 -18.28
CA VAL A 350 -17.56 -8.02 -17.56
C VAL A 350 -16.24 -7.77 -18.26
N GLU A 351 -16.02 -6.52 -18.65
CA GLU A 351 -14.77 -6.14 -19.29
C GLU A 351 -13.61 -6.12 -18.30
N PHE A 352 -12.49 -6.72 -18.68
CA PHE A 352 -11.36 -6.81 -17.75
C PHE A 352 -10.47 -5.55 -17.88
N GLU A 353 -10.87 -4.49 -17.16
CA GLU A 353 -10.05 -3.29 -17.04
C GLU A 353 -10.19 -2.79 -15.60
N THR A 354 -9.03 -2.58 -14.94
CA THR A 354 -8.96 -2.58 -13.48
C THR A 354 -8.71 -1.21 -12.90
N THR A 355 -9.09 -1.06 -11.62
CA THR A 355 -8.57 0.04 -10.80
C THR A 355 -7.09 -0.18 -10.53
N SER A 356 -6.47 0.80 -9.86
CA SER A 356 -5.01 0.77 -9.65
C SER A 356 -4.69 0.27 -8.25
N PHE A 357 -3.52 -0.34 -8.10
CA PHE A 357 -3.07 -0.91 -6.84
C PHE A 357 -1.62 -0.50 -6.61
N THR A 358 -1.27 -0.15 -5.37
CA THR A 358 0.09 0.21 -4.99
C THR A 358 0.64 -0.78 -4.00
N PHE A 359 1.92 -1.12 -4.18
CA PHE A 359 2.62 -1.98 -3.24
C PHE A 359 4.08 -1.54 -3.23
N SER A 360 4.89 -2.20 -2.41
CA SER A 360 6.33 -1.95 -2.48
C SER A 360 7.06 -3.26 -2.32
N TYR A 361 8.35 -3.21 -2.62
CA TYR A 361 9.20 -4.37 -2.36
C TYR A 361 10.64 -3.91 -2.11
N ILE A 362 11.43 -4.81 -1.52
CA ILE A 362 12.81 -4.52 -1.15
C ILE A 362 13.70 -4.62 -2.40
N ALA A 363 14.52 -3.59 -2.63
CA ALA A 363 15.33 -3.47 -3.83
C ALA A 363 16.64 -4.25 -3.67
N GLN A 364 17.14 -4.77 -4.79
CA GLN A 364 18.37 -5.56 -4.79
C GLN A 364 19.58 -4.74 -4.36
N GLU A 365 19.70 -3.52 -4.84
CA GLU A 365 20.76 -2.67 -4.35
C GLU A 365 20.25 -1.25 -4.26
N THR B 183 9.57 21.39 0.53
CA THR B 183 8.69 21.18 -0.61
C THR B 183 8.79 19.74 -1.12
N ARG B 184 8.78 18.77 -0.19
CA ARG B 184 8.48 17.40 -0.56
C ARG B 184 7.18 16.87 0.02
N THR B 185 6.61 17.51 1.05
CA THR B 185 5.32 17.10 1.58
C THR B 185 4.32 18.25 1.54
N LEU B 186 3.16 17.96 0.97
CA LEU B 186 1.99 18.82 1.02
C LEU B 186 0.97 18.16 1.94
N TRP B 187 0.46 18.90 2.92
CA TRP B 187 -0.39 18.21 3.90
C TRP B 187 -1.36 19.18 4.55
N THR B 188 -2.37 18.59 5.19
CA THR B 188 -3.08 19.19 6.30
C THR B 188 -2.23 19.07 7.57
N THR B 189 -2.50 19.93 8.56
CA THR B 189 -1.85 19.74 9.85
C THR B 189 -2.34 18.44 10.50
N PRO B 190 -1.50 17.76 11.28
CA PRO B 190 -1.86 16.43 11.79
C PRO B 190 -2.70 16.42 13.05
N ASP B 191 -3.20 17.56 13.54
CA ASP B 191 -4.08 17.57 14.70
C ASP B 191 -5.51 17.16 14.32
N THR B 192 -6.49 17.44 15.18
CA THR B 192 -7.87 17.06 14.92
C THR B 192 -8.82 18.26 14.87
N SER B 193 -8.30 19.46 14.52
CA SER B 193 -9.11 20.66 14.39
C SER B 193 -9.78 20.71 13.01
N PRO B 194 -11.06 21.09 12.94
CA PRO B 194 -11.82 20.92 11.69
C PRO B 194 -11.30 21.79 10.56
N ASN B 195 -11.17 21.18 9.38
CA ASN B 195 -10.66 21.88 8.20
C ASN B 195 -11.51 21.65 6.97
N CYS B 196 -12.66 21.00 7.10
CA CYS B 196 -13.33 20.45 5.95
C CYS B 196 -14.82 20.57 6.17
N THR B 197 -15.56 20.78 5.06
CA THR B 197 -17.00 20.98 5.09
C THR B 197 -17.64 19.93 4.19
N ILE B 198 -18.39 19.00 4.78
CA ILE B 198 -19.06 17.97 3.99
C ILE B 198 -20.52 18.40 3.83
N ALA B 199 -21.23 18.49 4.94
CA ALA B 199 -22.64 18.86 4.98
C ALA B 199 -22.92 20.15 5.71
N GLN B 200 -22.09 20.55 6.65
CA GLN B 200 -22.17 21.86 7.30
C GLN B 200 -20.75 22.35 7.56
N ASP B 201 -20.63 23.65 7.86
CA ASP B 201 -19.31 24.27 7.85
C ASP B 201 -18.41 23.67 8.93
N LYS B 202 -17.20 23.28 8.52
CA LYS B 202 -16.17 22.81 9.45
C LYS B 202 -16.66 21.62 10.29
N ASP B 203 -17.38 20.71 9.65
CA ASP B 203 -17.89 19.53 10.35
C ASP B 203 -16.92 18.36 10.35
N SER B 204 -15.74 18.50 9.73
CA SER B 204 -14.86 17.35 9.64
C SER B 204 -13.41 17.80 9.62
N LYS B 205 -12.55 16.87 9.98
CA LYS B 205 -11.10 17.04 9.90
C LYS B 205 -10.56 15.95 8.97
N LEU B 206 -10.20 16.34 7.75
CA LEU B 206 -9.47 15.46 6.85
C LEU B 206 -7.98 15.51 7.15
N THR B 207 -7.35 14.37 7.38
CA THR B 207 -5.88 14.34 7.46
C THR B 207 -5.37 13.72 6.17
N LEU B 208 -4.65 14.50 5.38
CA LEU B 208 -4.14 14.05 4.09
C LEU B 208 -2.70 14.50 3.99
N VAL B 209 -1.78 13.55 3.79
CA VAL B 209 -0.35 13.82 3.64
C VAL B 209 0.05 13.31 2.28
N LEU B 210 0.56 14.22 1.45
CA LEU B 210 1.08 13.89 0.12
C LEU B 210 2.57 14.11 0.13
N THR B 211 3.34 13.05 -0.15
CA THR B 211 4.79 13.17 -0.23
C THR B 211 5.26 12.77 -1.63
N LYS B 212 6.10 13.62 -2.22
CA LYS B 212 6.52 13.42 -3.60
C LYS B 212 7.74 12.53 -3.61
N CYS B 213 7.57 11.32 -4.14
CA CYS B 213 8.66 10.36 -4.35
C CYS B 213 8.91 10.26 -5.85
N GLY B 214 9.52 11.29 -6.42
CA GLY B 214 9.75 11.31 -7.85
C GLY B 214 8.43 11.30 -8.61
N SER B 215 8.26 10.29 -9.46
CA SER B 215 7.14 10.26 -10.38
C SER B 215 5.85 9.79 -9.72
N GLN B 216 5.89 9.44 -8.44
CA GLN B 216 4.69 8.97 -7.73
C GLN B 216 4.51 9.80 -6.47
N ILE B 217 3.25 10.04 -6.11
CA ILE B 217 2.90 10.69 -4.87
C ILE B 217 2.46 9.61 -3.90
N LEU B 218 3.12 9.56 -2.74
CA LEU B 218 2.73 8.66 -1.68
C LEU B 218 1.74 9.39 -0.79
N ALA B 219 0.54 8.83 -0.63
CA ALA B 219 -0.55 9.52 0.04
C ALA B 219 -0.99 8.74 1.26
N ASN B 220 -1.31 9.46 2.33
CA ASN B 220 -1.80 8.84 3.55
C ASN B 220 -3.03 9.63 3.99
N VAL B 221 -4.16 8.95 4.23
CA VAL B 221 -5.41 9.68 4.45
C VAL B 221 -6.20 9.06 5.60
N SER B 222 -6.87 9.92 6.39
CA SER B 222 -7.85 9.48 7.38
C SER B 222 -8.84 10.62 7.59
N LEU B 223 -9.97 10.30 8.24
CA LEU B 223 -11.03 11.29 8.40
C LEU B 223 -11.69 11.17 9.76
N ILE B 224 -11.95 12.33 10.36
CA ILE B 224 -12.77 12.44 11.57
C ILE B 224 -13.90 13.39 11.22
N VAL B 225 -15.15 12.93 11.35
CA VAL B 225 -16.29 13.83 11.28
C VAL B 225 -16.64 14.20 12.71
N VAL B 226 -16.67 15.51 12.99
CA VAL B 226 -16.86 15.99 14.36
C VAL B 226 -18.28 16.50 14.64
N ALA B 227 -19.06 16.82 13.61
CA ALA B 227 -20.39 17.35 13.83
C ALA B 227 -21.26 17.14 12.60
N GLY B 228 -22.57 17.38 12.76
CA GLY B 228 -23.47 17.38 11.63
C GLY B 228 -23.93 16.00 11.19
N LYS B 229 -24.48 15.97 9.96
CA LYS B 229 -25.19 14.82 9.41
C LYS B 229 -24.40 13.52 9.53
N TYR B 230 -23.10 13.56 9.27
CA TYR B 230 -22.31 12.34 9.15
C TYR B 230 -21.51 12.04 10.39
N HIS B 231 -21.76 12.79 11.45
CA HIS B 231 -20.98 12.63 12.66
C HIS B 231 -21.20 11.27 13.31
N ILE B 232 -22.47 10.93 13.54
CA ILE B 232 -22.87 9.63 14.09
C ILE B 232 -23.72 8.94 13.04
N ILE B 233 -23.32 7.75 12.62
CA ILE B 233 -24.05 6.99 11.60
C ILE B 233 -25.08 6.09 12.28
N ASN B 234 -26.34 6.18 11.85
CA ASN B 234 -27.34 5.20 12.26
C ASN B 234 -28.13 4.81 11.02
N ASN B 235 -27.80 3.67 10.44
CA ASN B 235 -28.54 3.13 9.32
C ASN B 235 -29.73 2.29 9.74
N LYS B 236 -29.90 2.04 11.04
CA LYS B 236 -31.17 1.48 11.50
C LYS B 236 -32.30 2.46 11.24
N THR B 237 -32.09 3.71 11.63
CA THR B 237 -33.09 4.73 11.47
C THR B 237 -32.97 5.46 10.14
N ASN B 238 -31.79 5.48 9.51
CA ASN B 238 -31.61 6.14 8.22
C ASN B 238 -30.82 5.25 7.26
N PRO B 239 -31.45 4.20 6.73
CA PRO B 239 -30.71 3.23 5.91
C PRO B 239 -30.20 3.81 4.62
N LYS B 240 -30.77 4.92 4.14
CA LYS B 240 -30.36 5.48 2.85
C LYS B 240 -29.16 6.41 2.96
N ILE B 241 -28.70 6.72 4.18
CA ILE B 241 -27.53 7.58 4.37
C ILE B 241 -26.34 6.63 4.44
N LYS B 242 -25.67 6.48 3.28
CA LYS B 242 -24.69 5.41 3.07
C LYS B 242 -23.38 5.89 2.48
N SER B 243 -23.25 7.19 2.16
CA SER B 243 -22.04 7.67 1.50
C SER B 243 -22.00 9.20 1.54
N PHE B 244 -20.80 9.74 1.38
CA PHE B 244 -20.57 11.17 1.18
C PHE B 244 -19.23 11.35 0.48
N THR B 245 -19.01 12.54 -0.02
CA THR B 245 -17.88 12.82 -0.89
C THR B 245 -17.13 14.05 -0.40
N ILE B 246 -15.79 13.97 -0.41
CA ILE B 246 -14.95 15.13 -0.15
C ILE B 246 -14.13 15.40 -1.42
N LYS B 247 -14.19 16.61 -1.94
CA LYS B 247 -13.47 16.92 -3.17
C LYS B 247 -12.34 17.92 -2.92
N LEU B 248 -11.20 17.67 -3.54
CA LEU B 248 -10.10 18.61 -3.64
C LEU B 248 -9.93 18.99 -5.10
N LEU B 249 -10.14 20.26 -5.43
CA LEU B 249 -10.01 20.76 -6.79
C LEU B 249 -8.81 21.68 -6.88
N PHE B 250 -8.06 21.61 -7.99
CA PHE B 250 -6.84 22.39 -8.12
C PHE B 250 -6.82 23.13 -9.46
N ASN B 251 -6.21 24.32 -9.44
CA ASN B 251 -6.06 25.07 -10.68
C ASN B 251 -4.84 24.55 -11.47
N LYS B 252 -4.48 25.27 -12.53
CA LYS B 252 -3.44 24.81 -13.46
C LYS B 252 -2.05 24.81 -12.82
N ASN B 253 -1.85 25.55 -11.75
CA ASN B 253 -0.59 25.56 -11.02
C ASN B 253 -0.59 24.61 -9.83
N GLY B 254 -1.61 23.76 -9.71
CA GLY B 254 -1.67 22.86 -8.59
C GLY B 254 -2.12 23.46 -7.26
N VAL B 255 -2.77 24.64 -7.28
CA VAL B 255 -3.21 25.31 -6.05
C VAL B 255 -4.67 24.97 -5.78
N LEU B 256 -4.97 24.67 -4.52
CA LEU B 256 -6.31 24.27 -4.11
C LEU B 256 -7.33 25.39 -4.35
N LEU B 257 -8.47 25.05 -4.97
CA LEU B 257 -9.54 26.03 -5.22
C LEU B 257 -10.49 26.14 -4.03
N ASP B 258 -11.10 27.33 -3.89
CA ASP B 258 -11.94 27.56 -2.72
C ASP B 258 -13.23 26.76 -2.72
N ASN B 259 -13.67 26.24 -3.86
CA ASN B 259 -14.89 25.43 -3.82
C ASN B 259 -14.62 23.98 -3.42
N SER B 260 -13.38 23.66 -3.02
CA SER B 260 -13.08 22.35 -2.46
C SER B 260 -13.72 22.17 -1.09
N ASN B 261 -13.97 20.92 -0.70
CA ASN B 261 -14.49 20.71 0.64
C ASN B 261 -13.45 21.07 1.69
N LEU B 262 -12.16 20.89 1.36
CA LEU B 262 -11.08 21.24 2.26
C LEU B 262 -10.78 22.72 2.16
N GLY B 263 -10.59 23.36 3.30
CA GLY B 263 -10.33 24.81 3.29
C GLY B 263 -8.87 25.11 2.95
N LYS B 264 -8.67 26.14 2.13
CA LYS B 264 -7.33 26.49 1.67
C LYS B 264 -6.40 26.86 2.82
N ALA B 265 -6.93 27.43 3.90
CA ALA B 265 -6.07 27.87 4.99
C ALA B 265 -5.40 26.69 5.70
N TYR B 266 -5.86 25.48 5.40
CA TYR B 266 -5.45 24.28 6.10
C TYR B 266 -4.57 23.37 5.26
N TRP B 267 -4.15 23.83 4.07
CA TRP B 267 -3.44 23.02 3.08
C TRP B 267 -2.15 23.73 2.70
N ASN B 268 -1.00 23.15 3.06
CA ASN B 268 0.26 23.88 2.91
C ASN B 268 1.39 22.88 2.80
N PHE B 269 2.56 23.36 2.36
CA PHE B 269 3.75 22.52 2.44
C PHE B 269 4.22 22.45 3.89
N ARG B 270 4.74 21.29 4.28
CA ARG B 270 5.28 21.11 5.62
C ARG B 270 6.61 21.85 5.74
N SER B 271 6.82 22.49 6.89
CA SER B 271 8.06 23.23 7.14
C SER B 271 9.13 22.33 7.75
N GLU B 281 3.49 28.34 -3.21
CA GLU B 281 2.27 27.56 -3.05
C GLU B 281 1.98 26.67 -4.28
N LYS B 282 2.68 26.92 -5.38
CA LYS B 282 2.52 26.11 -6.58
C LYS B 282 2.99 24.68 -6.35
N ALA B 283 2.33 23.73 -7.00
CA ALA B 283 2.62 22.32 -6.74
C ALA B 283 2.18 21.40 -7.87
N ILE B 284 2.60 21.71 -9.10
CA ILE B 284 2.22 20.87 -10.24
C ILE B 284 2.78 19.47 -10.08
N GLY B 285 3.93 19.33 -9.42
CA GLY B 285 4.53 18.02 -9.21
C GLY B 285 3.74 17.12 -8.29
N PHE B 286 2.73 17.65 -7.61
CA PHE B 286 1.86 16.85 -6.75
C PHE B 286 0.54 16.52 -7.42
N MET B 287 0.32 16.98 -8.65
CA MET B 287 -0.99 16.80 -9.26
C MET B 287 -1.09 15.43 -9.93
N PRO B 288 -2.29 14.85 -9.99
CA PRO B 288 -2.44 13.54 -10.65
C PRO B 288 -2.23 13.69 -12.16
N ASN B 289 -1.45 12.76 -12.69
CA ASN B 289 -1.05 12.80 -14.10
C ASN B 289 -2.25 12.78 -15.05
N LEU B 290 -2.32 13.78 -15.95
CA LEU B 290 -3.46 13.88 -16.86
C LEU B 290 -3.48 12.86 -17.98
N VAL B 291 -2.34 12.29 -18.36
CA VAL B 291 -2.40 11.19 -19.32
C VAL B 291 -2.83 9.89 -18.62
N ALA B 292 -2.33 9.63 -17.41
CA ALA B 292 -2.79 8.44 -16.69
C ALA B 292 -4.26 8.56 -16.30
N TYR B 293 -4.69 9.76 -15.94
CA TYR B 293 -6.03 10.01 -15.38
C TYR B 293 -6.62 11.21 -16.13
N PRO B 294 -7.22 10.99 -17.29
CA PRO B 294 -7.73 12.12 -18.09
C PRO B 294 -8.99 12.75 -17.52
N LYS B 295 -9.17 14.04 -17.84
CA LYS B 295 -10.35 14.78 -17.39
C LYS B 295 -11.62 14.21 -18.03
N PRO B 296 -12.79 14.49 -17.45
CA PRO B 296 -14.02 13.85 -17.94
C PRO B 296 -14.23 14.12 -19.42
N SER B 297 -14.64 13.06 -20.14
CA SER B 297 -14.83 13.04 -21.60
C SER B 297 -13.90 13.97 -22.37
N LYS B 300 -17.45 6.86 -21.62
CA LYS B 300 -16.78 5.70 -21.02
C LYS B 300 -15.28 5.89 -20.86
N LYS B 301 -14.82 5.88 -19.61
CA LYS B 301 -13.42 6.06 -19.29
C LYS B 301 -12.91 4.83 -18.55
N TYR B 302 -11.60 4.78 -18.35
CA TYR B 302 -10.96 3.61 -17.77
C TYR B 302 -10.88 3.70 -16.25
N ALA B 303 -11.00 2.55 -15.60
CA ALA B 303 -11.04 2.50 -14.14
C ALA B 303 -9.70 2.74 -13.48
N ARG B 304 -8.61 2.86 -14.25
CA ARG B 304 -7.35 2.97 -13.52
C ARG B 304 -7.19 4.33 -12.84
N ASP B 305 -8.09 5.28 -13.09
CA ASP B 305 -8.12 6.53 -12.34
C ASP B 305 -8.82 6.39 -10.99
N ILE B 306 -9.08 5.16 -10.53
CA ILE B 306 -9.69 4.91 -9.23
C ILE B 306 -8.77 4.04 -8.40
N VAL B 307 -8.68 4.33 -7.08
CA VAL B 307 -8.10 3.39 -6.11
C VAL B 307 -9.11 3.17 -5.01
N TYR B 308 -9.35 1.90 -4.65
CA TYR B 308 -10.21 1.53 -3.54
C TYR B 308 -9.39 1.09 -2.35
N GLY B 309 -9.87 1.42 -1.16
CA GLY B 309 -9.31 0.89 0.07
C GLY B 309 -10.41 0.72 1.08
N THR B 310 -10.10 -0.02 2.14
CA THR B 310 -11.03 -0.21 3.23
C THR B 310 -10.41 0.40 4.48
N ILE B 311 -11.19 1.25 5.16
CA ILE B 311 -10.80 1.71 6.48
C ILE B 311 -11.86 1.25 7.47
N TYR B 312 -11.60 1.48 8.75
CA TYR B 312 -12.44 0.88 9.78
C TYR B 312 -12.89 1.94 10.77
N LEU B 313 -14.19 2.00 11.03
CA LEU B 313 -14.71 3.07 11.88
C LEU B 313 -14.41 2.76 13.34
N GLY B 314 -13.91 3.75 14.06
CA GLY B 314 -13.54 3.60 15.44
C GLY B 314 -12.44 2.60 15.66
N GLY B 315 -11.74 2.21 14.58
CA GLY B 315 -10.69 1.22 14.69
C GLY B 315 -11.19 -0.18 14.93
N LYS B 316 -12.50 -0.42 14.79
CA LYS B 316 -13.06 -1.73 15.09
C LYS B 316 -13.03 -2.58 13.82
N PRO B 317 -12.49 -3.80 13.88
CA PRO B 317 -12.29 -4.59 12.66
C PRO B 317 -13.56 -5.09 12.02
N ASP B 318 -14.70 -5.07 12.74
CA ASP B 318 -15.97 -5.42 12.12
C ASP B 318 -16.77 -4.17 11.72
N GLN B 319 -16.09 -3.03 11.59
CA GLN B 319 -16.73 -1.81 11.11
C GLN B 319 -16.06 -1.24 9.86
N PRO B 320 -15.98 -2.00 8.77
CA PRO B 320 -15.38 -1.47 7.54
C PRO B 320 -16.22 -0.39 6.89
N ALA B 321 -15.52 0.53 6.25
CA ALA B 321 -16.10 1.43 5.26
C ALA B 321 -15.14 1.54 4.08
N VAL B 322 -15.66 1.85 2.91
CA VAL B 322 -14.87 1.89 1.68
C VAL B 322 -14.43 3.32 1.42
N ILE B 323 -13.13 3.52 1.16
CA ILE B 323 -12.71 4.82 0.65
C ILE B 323 -12.37 4.66 -0.82
N LYS B 324 -13.11 5.38 -1.66
CA LYS B 324 -12.89 5.35 -3.10
C LYS B 324 -12.26 6.66 -3.51
N THR B 325 -11.06 6.60 -4.10
CA THR B 325 -10.33 7.81 -4.49
C THR B 325 -10.27 7.86 -6.01
N THR B 326 -10.69 8.99 -6.59
CA THR B 326 -10.76 9.13 -8.04
C THR B 326 -9.97 10.36 -8.45
N PHE B 327 -9.12 10.22 -9.46
CA PHE B 327 -8.28 11.33 -9.95
C PHE B 327 -8.88 11.98 -11.19
N ASN B 328 -8.96 13.32 -11.15
CA ASN B 328 -9.21 14.17 -12.32
C ASN B 328 -10.56 13.90 -12.95
N GLN B 329 -11.58 13.62 -12.12
CA GLN B 329 -12.90 13.40 -12.69
C GLN B 329 -13.90 14.50 -12.34
N GLU B 330 -13.45 15.63 -11.84
CA GLU B 330 -14.33 16.76 -11.58
C GLU B 330 -14.17 17.76 -12.70
N THR B 331 -15.21 18.56 -12.93
CA THR B 331 -15.14 19.67 -13.87
C THR B 331 -14.89 20.97 -13.10
N GLY B 332 -14.62 22.04 -13.84
CA GLY B 332 -14.37 23.31 -13.21
C GLY B 332 -13.02 23.42 -12.56
N CYS B 333 -12.06 22.60 -12.96
CA CYS B 333 -10.73 22.64 -12.37
C CYS B 333 -9.77 22.03 -13.38
N GLU B 334 -8.47 22.16 -13.10
CA GLU B 334 -7.48 21.50 -13.94
C GLU B 334 -7.15 20.10 -13.43
N TYR B 335 -7.14 19.90 -12.12
CA TYR B 335 -6.87 18.62 -11.50
C TYR B 335 -7.82 18.41 -10.34
N SER B 336 -8.05 17.16 -9.95
CA SER B 336 -8.86 16.92 -8.77
C SER B 336 -8.51 15.58 -8.13
N ILE B 337 -8.73 15.50 -6.83
CA ILE B 337 -8.73 14.26 -6.07
C ILE B 337 -10.03 14.23 -5.29
N THR B 338 -10.84 13.20 -5.51
CA THR B 338 -12.11 13.09 -4.80
CA THR B 338 -12.16 13.04 -4.89
C THR B 338 -12.13 11.82 -3.99
N PHE B 339 -12.59 11.96 -2.74
CA PHE B 339 -12.70 10.85 -1.80
C PHE B 339 -14.18 10.57 -1.60
N ASN B 340 -14.61 9.36 -1.96
CA ASN B 340 -15.99 8.95 -1.63
C ASN B 340 -15.92 7.92 -0.51
N PHE B 341 -16.59 8.22 0.61
CA PHE B 341 -16.68 7.30 1.75
C PHE B 341 -18.05 6.63 1.68
N SER B 342 -18.09 5.32 1.83
CA SER B 342 -19.38 4.64 1.72
C SER B 342 -19.32 3.36 2.51
N TRP B 343 -20.50 2.84 2.87
CA TRP B 343 -20.51 1.61 3.64
C TRP B 343 -21.77 0.84 3.38
N SER B 344 -21.69 -0.47 3.60
CA SER B 344 -22.83 -1.35 3.31
C SER B 344 -23.36 -2.09 4.53
N LYS B 345 -22.60 -2.17 5.61
CA LYS B 345 -23.14 -2.71 6.85
C LYS B 345 -24.14 -1.74 7.47
N THR B 346 -24.99 -2.28 8.34
CA THR B 346 -25.94 -1.48 9.10
C THR B 346 -25.26 -1.05 10.40
N TYR B 347 -24.85 0.21 10.49
CA TYR B 347 -24.19 0.69 11.69
C TYR B 347 -25.22 1.42 12.57
N GLU B 348 -25.09 1.23 13.87
CA GLU B 348 -26.07 1.72 14.85
C GLU B 348 -25.34 2.64 15.82
N ASN B 349 -25.38 3.95 15.53
CA ASN B 349 -24.79 4.99 16.35
C ASN B 349 -23.28 4.84 16.44
N VAL B 350 -22.65 4.84 15.27
CA VAL B 350 -21.20 4.68 15.14
C VAL B 350 -20.64 6.03 14.76
N GLU B 351 -19.66 6.51 15.52
CA GLU B 351 -19.06 7.79 15.20
C GLU B 351 -18.13 7.60 14.01
N PHE B 352 -18.17 8.53 13.05
CA PHE B 352 -17.43 8.33 11.79
C PHE B 352 -16.02 8.90 11.97
N GLU B 353 -15.11 8.06 12.46
CA GLU B 353 -13.70 8.44 12.55
C GLU B 353 -12.91 7.20 12.15
N THR B 354 -11.98 7.35 11.22
CA THR B 354 -11.45 6.20 10.49
C THR B 354 -10.02 5.89 10.88
N THR B 355 -9.65 4.64 10.59
CA THR B 355 -8.24 4.25 10.54
C THR B 355 -7.59 4.92 9.32
N SER B 356 -6.28 4.72 9.17
CA SER B 356 -5.52 5.37 8.11
C SER B 356 -5.30 4.45 6.91
N PHE B 357 -5.23 5.05 5.72
CA PHE B 357 -5.04 4.28 4.48
C PHE B 357 -3.95 4.95 3.64
N THR B 358 -3.07 4.13 3.03
CA THR B 358 -2.01 4.62 2.18
C THR B 358 -2.27 4.17 0.75
N PHE B 359 -2.00 5.07 -0.18
CA PHE B 359 -2.06 4.70 -1.60
C PHE B 359 -1.00 5.54 -2.30
N SER B 360 -0.91 5.42 -3.62
CA SER B 360 -0.03 6.27 -4.41
C SER B 360 -0.71 6.56 -5.73
N TYR B 361 -0.22 7.59 -6.42
CA TYR B 361 -0.69 7.84 -7.77
C TYR B 361 0.44 8.45 -8.59
N ILE B 362 0.23 8.43 -9.90
CA ILE B 362 1.24 8.91 -10.84
C ILE B 362 1.18 10.44 -10.91
N ALA B 363 2.36 11.10 -10.78
CA ALA B 363 2.43 12.55 -10.72
C ALA B 363 2.48 13.17 -12.12
N GLN B 364 1.89 14.38 -12.22
CA GLN B 364 1.83 15.09 -13.49
C GLN B 364 3.22 15.44 -14.01
N GLU B 365 4.13 15.81 -13.12
CA GLU B 365 5.53 15.96 -13.50
C GLU B 365 6.43 15.67 -12.31
N LYS C 180 27.73 -0.07 1.17
CA LYS C 180 27.15 1.27 1.21
C LYS C 180 26.76 1.65 2.64
N ASN C 181 26.02 2.77 2.78
CA ASN C 181 25.68 3.34 4.09
C ASN C 181 24.38 4.13 3.92
N ASP C 182 23.27 3.40 3.91
CA ASP C 182 21.95 3.96 3.61
C ASP C 182 21.29 4.53 4.87
N THR C 183 21.42 5.84 5.05
CA THR C 183 20.89 6.55 6.21
C THR C 183 19.39 6.77 6.15
N ARG C 184 18.73 6.40 5.04
CA ARG C 184 17.30 6.57 4.86
C ARG C 184 16.51 5.29 5.10
N THR C 185 17.18 4.21 5.52
CA THR C 185 16.51 2.94 5.75
C THR C 185 16.91 2.37 7.10
N LEU C 186 15.93 2.12 7.96
CA LEU C 186 16.09 1.42 9.22
C LEU C 186 15.42 0.06 9.03
N TRP C 187 16.15 -1.03 9.26
CA TRP C 187 15.54 -2.32 8.92
C TRP C 187 16.09 -3.45 9.78
N THR C 188 15.48 -4.62 9.60
CA THR C 188 15.91 -5.86 10.25
C THR C 188 16.94 -6.65 9.44
N THR C 189 17.36 -6.16 8.27
CA THR C 189 18.03 -6.88 7.18
C THR C 189 17.03 -7.86 6.56
N PRO C 190 17.25 -8.30 5.33
CA PRO C 190 16.27 -9.20 4.68
C PRO C 190 16.56 -10.69 4.78
N ASP C 191 17.49 -11.13 5.64
CA ASP C 191 17.79 -12.55 5.73
C ASP C 191 16.67 -13.28 6.47
N THR C 192 16.86 -14.56 6.77
CA THR C 192 15.86 -15.33 7.51
C THR C 192 16.32 -15.71 8.91
N SER C 193 17.37 -15.09 9.43
CA SER C 193 17.83 -15.34 10.80
C SER C 193 16.80 -14.89 11.82
N PRO C 194 16.33 -15.76 12.70
CA PRO C 194 15.31 -15.33 13.69
C PRO C 194 15.81 -14.18 14.54
N ASN C 195 14.93 -13.22 14.76
CA ASN C 195 15.29 -11.99 15.46
C ASN C 195 14.20 -11.57 16.43
N CYS C 196 13.20 -12.41 16.67
CA CYS C 196 12.00 -11.95 17.34
C CYS C 196 11.47 -13.03 18.28
N THR C 197 10.91 -12.60 19.40
CA THR C 197 10.40 -13.50 20.44
C THR C 197 8.91 -13.23 20.64
N ILE C 198 8.08 -14.22 20.27
CA ILE C 198 6.63 -14.09 20.46
C ILE C 198 6.24 -14.91 21.67
N ALA C 199 6.57 -16.20 21.65
CA ALA C 199 6.26 -17.14 22.72
C ALA C 199 7.49 -17.86 23.24
N GLN C 200 8.51 -18.05 22.42
CA GLN C 200 9.79 -18.61 22.83
C GLN C 200 10.88 -17.72 22.27
N ASP C 201 12.05 -17.79 22.89
CA ASP C 201 13.16 -16.94 22.49
C ASP C 201 13.51 -17.19 21.02
N LYS C 202 13.57 -16.11 20.22
CA LYS C 202 13.97 -16.17 18.82
C LYS C 202 13.17 -17.22 18.04
N ASP C 203 11.85 -17.20 18.22
CA ASP C 203 11.00 -18.15 17.52
C ASP C 203 10.48 -17.61 16.19
N SER C 204 10.89 -16.41 15.78
CA SER C 204 10.35 -15.86 14.54
C SER C 204 11.32 -14.86 13.92
N LYS C 205 11.15 -14.65 12.61
CA LYS C 205 11.83 -13.58 11.87
C LYS C 205 10.79 -12.54 11.48
N LEU C 206 10.89 -11.35 12.06
CA LEU C 206 10.13 -10.19 11.62
C LEU C 206 10.99 -9.47 10.60
N THR C 207 10.51 -9.38 9.37
CA THR C 207 11.21 -8.61 8.35
C THR C 207 10.47 -7.27 8.28
N LEU C 208 11.14 -6.19 8.71
CA LEU C 208 10.54 -4.87 8.74
C LEU C 208 11.53 -3.90 8.12
N VAL C 209 11.09 -3.18 7.10
CA VAL C 209 11.90 -2.17 6.44
C VAL C 209 11.17 -0.84 6.56
N LEU C 210 11.85 0.16 7.13
CA LEU C 210 11.30 1.52 7.26
C LEU C 210 12.13 2.41 6.37
N THR C 211 11.53 2.97 5.31
CA THR C 211 12.26 3.81 4.38
C THR C 211 11.73 5.24 4.48
N LYS C 212 12.61 6.17 4.77
CA LYS C 212 12.16 7.54 5.02
C LYS C 212 12.02 8.27 3.69
N CYS C 213 10.79 8.66 3.38
CA CYS C 213 10.50 9.54 2.25
C CYS C 213 10.06 10.88 2.82
N GLY C 214 11.02 11.64 3.33
CA GLY C 214 10.72 12.93 3.91
C GLY C 214 9.80 12.77 5.10
N SER C 215 8.64 13.40 5.04
CA SER C 215 7.73 13.41 6.17
C SER C 215 6.94 12.11 6.34
N GLN C 216 7.05 11.15 5.42
CA GLN C 216 6.36 9.88 5.58
C GLN C 216 7.36 8.74 5.58
N ILE C 217 7.06 7.73 6.40
CA ILE C 217 7.84 6.49 6.42
C ILE C 217 7.11 5.46 5.56
N LEU C 218 7.78 4.90 4.57
CA LEU C 218 7.23 3.81 3.78
C LEU C 218 7.66 2.52 4.45
N ALA C 219 6.70 1.69 4.86
CA ALA C 219 6.99 0.54 5.68
C ALA C 219 6.61 -0.76 4.98
N ASN C 220 7.47 -1.78 5.08
CA ASN C 220 7.19 -3.06 4.47
C ASN C 220 7.39 -4.12 5.53
N VAL C 221 6.42 -5.02 5.73
CA VAL C 221 6.51 -5.97 6.84
C VAL C 221 6.05 -7.37 6.42
N SER C 222 6.72 -8.39 6.98
CA SER C 222 6.28 -9.78 6.88
C SER C 222 6.78 -10.53 8.11
N LEU C 223 6.22 -11.73 8.34
CA LEU C 223 6.61 -12.50 9.54
C LEU C 223 6.78 -13.96 9.16
N ILE C 224 7.86 -14.58 9.63
CA ILE C 224 8.07 -16.02 9.51
C ILE C 224 8.22 -16.56 10.92
N VAL C 225 7.26 -17.35 11.39
CA VAL C 225 7.41 -18.05 12.68
C VAL C 225 8.05 -19.40 12.40
N VAL C 226 9.13 -19.71 13.14
CA VAL C 226 9.92 -20.92 12.90
C VAL C 226 9.82 -21.95 14.01
N ALA C 227 9.33 -21.59 15.20
CA ALA C 227 9.28 -22.51 16.32
C ALA C 227 8.22 -22.05 17.32
N GLY C 228 7.91 -22.92 18.28
CA GLY C 228 7.06 -22.52 19.36
C GLY C 228 5.58 -22.60 19.03
N LYS C 229 4.78 -22.04 19.94
CA LYS C 229 3.34 -22.27 19.92
C LYS C 229 2.64 -21.65 18.71
N TYR C 230 3.22 -20.64 18.08
CA TYR C 230 2.58 -20.02 16.94
C TYR C 230 3.16 -20.50 15.60
N HIS C 231 4.04 -21.50 15.63
CA HIS C 231 4.69 -21.95 14.40
C HIS C 231 3.71 -22.69 13.49
N ILE C 232 3.04 -23.73 14.00
CA ILE C 232 2.09 -24.53 13.26
C ILE C 232 0.74 -24.35 13.97
N ILE C 233 -0.19 -23.70 13.32
CA ILE C 233 -1.48 -23.41 13.92
C ILE C 233 -2.40 -24.59 13.68
N ASN C 234 -3.03 -25.08 14.75
CA ASN C 234 -4.08 -26.09 14.62
C ASN C 234 -5.19 -25.72 15.58
N ASN C 235 -6.24 -25.08 15.05
CA ASN C 235 -7.35 -24.66 15.88
C ASN C 235 -8.39 -25.75 16.11
N LYS C 236 -8.26 -26.93 15.49
CA LYS C 236 -9.05 -28.07 15.94
C LYS C 236 -8.55 -28.55 17.29
N THR C 237 -7.22 -28.65 17.46
CA THR C 237 -6.64 -29.06 18.74
C THR C 237 -6.60 -27.90 19.73
N ASN C 238 -6.23 -26.70 19.28
CA ASN C 238 -6.11 -25.52 20.15
C ASN C 238 -7.04 -24.44 19.61
N PRO C 239 -8.32 -24.51 19.94
CA PRO C 239 -9.26 -23.50 19.42
C PRO C 239 -9.05 -22.09 19.97
N LYS C 240 -8.25 -21.89 21.01
CA LYS C 240 -8.14 -20.55 21.57
C LYS C 240 -6.95 -19.76 21.00
N ILE C 241 -6.07 -20.39 20.25
CA ILE C 241 -4.88 -19.72 19.70
C ILE C 241 -5.32 -18.99 18.43
N LYS C 242 -5.65 -17.69 18.56
CA LYS C 242 -6.19 -16.91 17.46
C LYS C 242 -5.54 -15.56 17.25
N SER C 243 -4.51 -15.20 18.02
CA SER C 243 -3.90 -13.88 17.87
C SER C 243 -2.64 -13.80 18.70
N PHE C 244 -1.74 -12.89 18.32
CA PHE C 244 -0.57 -12.56 19.13
C PHE C 244 -0.07 -11.19 18.68
N THR C 245 0.79 -10.60 19.50
CA THR C 245 1.24 -9.24 19.23
C THR C 245 2.76 -9.18 19.27
N ILE C 246 3.33 -8.39 18.38
CA ILE C 246 4.76 -8.09 18.35
C ILE C 246 4.89 -6.59 18.58
N LYS C 247 5.65 -6.19 19.61
CA LYS C 247 5.77 -4.77 19.99
C LYS C 247 7.18 -4.25 19.78
N LEU C 248 7.30 -3.08 19.12
CA LEU C 248 8.56 -2.34 19.04
C LEU C 248 8.38 -1.04 19.81
N LEU C 249 9.17 -0.87 20.86
CA LEU C 249 9.07 0.27 21.77
C LEU C 249 10.35 1.08 21.65
N PHE C 250 10.23 2.41 21.57
CA PHE C 250 11.40 3.27 21.33
C PHE C 250 11.51 4.35 22.40
N ASN C 251 12.73 4.78 22.70
CA ASN C 251 12.89 5.87 23.65
C ASN C 251 12.82 7.21 22.92
N LYS C 252 13.14 8.30 23.64
CA LYS C 252 12.99 9.64 23.10
C LYS C 252 13.91 9.90 21.91
N ASN C 253 14.97 9.12 21.77
CA ASN C 253 15.90 9.19 20.66
C ASN C 253 15.57 8.22 19.54
N GLY C 254 14.45 7.50 19.64
CA GLY C 254 14.09 6.52 18.62
C GLY C 254 14.86 5.22 18.70
N VAL C 255 15.53 4.97 19.83
CA VAL C 255 16.31 3.75 20.01
C VAL C 255 15.38 2.65 20.55
N LEU C 256 15.52 1.46 20.00
CA LEU C 256 14.68 0.33 20.40
C LEU C 256 14.95 -0.07 21.84
N LEU C 257 13.89 -0.27 22.62
CA LEU C 257 14.01 -0.66 24.01
C LEU C 257 14.09 -2.19 24.12
N ASP C 258 14.78 -2.65 25.17
CA ASP C 258 15.11 -4.08 25.27
C ASP C 258 13.90 -4.96 25.53
N ASN C 259 12.80 -4.43 26.05
CA ASN C 259 11.60 -5.23 26.22
C ASN C 259 10.73 -5.29 24.96
N SER C 260 11.20 -4.79 23.83
CA SER C 260 10.51 -5.08 22.58
C SER C 260 10.65 -6.56 22.23
N ASN C 261 9.69 -7.07 21.44
CA ASN C 261 9.79 -8.45 20.96
C ASN C 261 10.96 -8.65 19.99
N LEU C 262 11.28 -7.61 19.23
CA LEU C 262 12.37 -7.61 18.28
C LEU C 262 13.68 -7.38 19.01
N GLY C 263 14.69 -8.18 18.69
CA GLY C 263 15.98 -8.01 19.32
C GLY C 263 16.73 -6.80 18.81
N LYS C 264 17.50 -6.17 19.70
CA LYS C 264 18.18 -4.94 19.33
C LYS C 264 19.37 -5.19 18.41
N ALA C 265 19.96 -6.39 18.45
CA ALA C 265 21.17 -6.66 17.68
C ALA C 265 20.92 -6.59 16.20
N TYR C 266 19.66 -6.77 15.79
CA TYR C 266 19.24 -6.98 14.41
C TYR C 266 18.66 -5.73 13.77
N TRP C 267 18.57 -4.63 14.51
CA TRP C 267 17.77 -3.48 14.11
C TRP C 267 18.68 -2.27 13.96
N ASN C 268 18.88 -1.82 12.73
CA ASN C 268 19.89 -0.77 12.52
C ASN C 268 19.71 -0.17 11.12
N PHE C 269 20.46 0.89 10.87
CA PHE C 269 20.51 1.45 9.52
C PHE C 269 21.18 0.48 8.56
N ARG C 270 20.81 0.59 7.29
CA ARG C 270 21.18 -0.39 6.28
C ARG C 270 22.59 -0.18 5.73
N SER C 271 23.28 -1.29 5.48
CA SER C 271 24.50 -1.31 4.67
C SER C 271 24.45 -2.53 3.75
N GLY C 272 24.20 -2.29 2.45
CA GLY C 272 24.09 -3.42 1.53
C GLY C 272 22.90 -4.27 1.89
N ASN C 273 23.12 -5.57 2.04
CA ASN C 273 22.09 -6.46 2.56
C ASN C 273 22.27 -6.70 4.04
N SER C 274 23.11 -5.92 4.70
CA SER C 274 23.35 -6.08 6.12
C SER C 274 23.08 -4.75 6.82
N ASN C 275 23.64 -4.57 8.01
CA ASN C 275 23.53 -3.34 8.78
C ASN C 275 24.87 -2.66 8.92
N VAL C 276 24.82 -1.36 9.19
CA VAL C 276 26.03 -0.63 9.53
C VAL C 276 26.64 -1.24 10.80
N SER C 277 27.95 -0.99 10.98
CA SER C 277 28.71 -1.71 12.00
C SER C 277 28.40 -1.24 13.42
N THR C 278 28.02 0.02 13.62
CA THR C 278 27.79 0.55 14.95
C THR C 278 26.30 0.81 15.18
N ALA C 279 25.84 0.55 16.40
CA ALA C 279 24.44 0.77 16.75
C ALA C 279 24.08 2.25 16.68
N TYR C 280 22.94 2.56 16.08
CA TYR C 280 22.59 3.96 15.89
C TYR C 280 22.22 4.61 17.23
N GLU C 281 22.42 5.92 17.29
CA GLU C 281 22.10 6.67 18.50
C GLU C 281 20.83 7.50 18.39
N LYS C 282 20.41 7.88 17.19
CA LYS C 282 19.22 8.71 17.00
C LYS C 282 18.46 8.23 15.76
N ALA C 283 17.15 8.10 15.87
CA ALA C 283 16.34 7.77 14.71
C ALA C 283 14.98 8.42 14.83
N ILE C 284 14.97 9.67 15.31
CA ILE C 284 13.69 10.35 15.55
C ILE C 284 12.95 10.55 14.24
N GLY C 285 13.67 10.70 13.14
CA GLY C 285 13.04 10.90 11.84
C GLY C 285 12.24 9.70 11.34
N PHE C 286 12.38 8.55 11.99
CA PHE C 286 11.65 7.32 11.66
C PHE C 286 10.53 7.03 12.66
N MET C 287 10.37 7.86 13.70
CA MET C 287 9.37 7.55 14.70
C MET C 287 7.98 8.04 14.26
N PRO C 288 6.92 7.36 14.68
CA PRO C 288 5.56 7.84 14.37
C PRO C 288 5.27 9.18 15.05
N ASN C 289 4.74 10.12 14.29
CA ASN C 289 4.50 11.48 14.77
C ASN C 289 3.55 11.52 15.96
N LEU C 290 3.96 12.24 17.02
CA LEU C 290 3.20 12.24 18.27
C LEU C 290 1.98 13.13 18.23
N VAL C 291 1.93 14.07 17.29
CA VAL C 291 0.70 14.85 17.10
C VAL C 291 -0.33 14.02 16.34
N ALA C 292 0.13 13.33 15.31
CA ALA C 292 -0.77 12.49 14.50
C ALA C 292 -1.26 11.29 15.28
N TYR C 293 -0.40 10.70 16.12
CA TYR C 293 -0.67 9.46 16.84
C TYR C 293 -0.32 9.67 18.30
N PRO C 294 -1.23 10.27 19.07
CA PRO C 294 -0.92 10.63 20.46
C PRO C 294 -0.81 9.42 21.37
N LYS C 295 -0.03 9.59 22.43
CA LYS C 295 0.13 8.57 23.45
C LYS C 295 -1.19 8.32 24.18
N PRO C 296 -1.32 7.16 24.85
CA PRO C 296 -2.58 6.86 25.55
C PRO C 296 -2.85 7.88 26.66
N SER C 297 -4.12 8.17 26.89
CA SER C 297 -4.50 9.05 27.97
C SER C 297 -5.89 8.66 28.44
N ASN C 298 -6.54 9.57 29.16
CA ASN C 298 -7.93 9.42 29.57
C ASN C 298 -8.90 10.15 28.64
N SER C 299 -8.39 10.88 27.64
CA SER C 299 -9.23 11.58 26.69
C SER C 299 -9.68 10.62 25.59
N LYS C 300 -10.39 11.16 24.60
CA LYS C 300 -10.92 10.31 23.54
C LYS C 300 -9.76 9.75 22.72
N LYS C 301 -9.78 8.45 22.49
CA LYS C 301 -8.78 7.78 21.66
C LYS C 301 -9.31 7.67 20.23
N TYR C 302 -8.51 8.13 19.26
CA TYR C 302 -8.91 8.14 17.86
C TYR C 302 -8.24 7.03 17.04
N ALA C 303 -8.98 6.55 16.07
CA ALA C 303 -8.60 5.42 15.24
C ALA C 303 -7.51 5.73 14.21
N ARG C 304 -7.13 6.99 14.00
CA ARG C 304 -6.15 7.22 12.95
C ARG C 304 -4.77 6.67 13.29
N ASP C 305 -4.52 6.31 14.56
CA ASP C 305 -3.24 5.63 14.86
C ASP C 305 -3.23 4.13 14.51
N ILE C 306 -4.23 3.61 13.78
CA ILE C 306 -4.28 2.19 13.39
C ILE C 306 -4.26 2.08 11.87
N VAL C 307 -3.53 1.09 11.34
CA VAL C 307 -3.65 0.66 9.95
C VAL C 307 -3.97 -0.82 9.97
N TYR C 308 -5.00 -1.21 9.23
CA TYR C 308 -5.33 -2.62 9.06
C TYR C 308 -4.91 -3.12 7.68
N GLY C 309 -4.42 -4.35 7.63
CA GLY C 309 -4.21 -5.02 6.37
C GLY C 309 -4.52 -6.50 6.52
N THR C 310 -4.59 -7.19 5.40
CA THR C 310 -4.78 -8.64 5.41
C THR C 310 -3.57 -9.27 4.76
N ILE C 311 -2.96 -10.25 5.42
CA ILE C 311 -1.92 -11.04 4.78
C ILE C 311 -2.40 -12.49 4.72
N TYR C 312 -1.60 -13.34 4.04
CA TYR C 312 -2.06 -14.70 3.72
C TYR C 312 -1.02 -15.71 4.16
N LEU C 313 -1.45 -16.69 4.95
CA LEU C 313 -0.50 -17.67 5.50
C LEU C 313 -0.09 -18.65 4.43
N GLY C 314 1.24 -18.87 4.32
CA GLY C 314 1.74 -19.78 3.31
C GLY C 314 1.50 -19.26 1.92
N GLY C 315 1.08 -17.99 1.82
CA GLY C 315 0.77 -17.44 0.52
C GLY C 315 -0.48 -17.97 -0.12
N LYS C 316 -1.33 -18.72 0.63
CA LYS C 316 -2.55 -19.32 0.09
C LYS C 316 -3.72 -18.34 0.21
N PRO C 317 -4.48 -18.11 -0.87
CA PRO C 317 -5.49 -17.03 -0.83
C PRO C 317 -6.66 -17.32 0.08
N ASP C 318 -6.84 -18.56 0.51
CA ASP C 318 -7.91 -18.90 1.41
C ASP C 318 -7.44 -19.02 2.85
N GLN C 319 -6.24 -18.50 3.17
CA GLN C 319 -5.71 -18.48 4.54
C GLN C 319 -5.37 -17.06 4.98
N PRO C 320 -6.36 -16.16 5.01
CA PRO C 320 -6.10 -14.80 5.48
C PRO C 320 -5.84 -14.73 6.98
N ALA C 321 -5.05 -13.73 7.37
CA ALA C 321 -4.96 -13.29 8.75
C ALA C 321 -4.89 -11.76 8.73
N VAL C 322 -5.37 -11.15 9.77
CA VAL C 322 -5.42 -9.69 9.85
C VAL C 322 -4.14 -9.20 10.51
N ILE C 323 -3.48 -8.20 9.91
CA ILE C 323 -2.37 -7.54 10.59
C ILE C 323 -2.86 -6.13 10.96
N LYS C 324 -2.86 -5.85 12.25
CA LYS C 324 -3.31 -4.56 12.79
C LYS C 324 -2.07 -3.87 13.32
N THR C 325 -1.73 -2.73 12.73
CA THR C 325 -0.56 -1.99 13.13
C THR C 325 -1.02 -0.75 13.89
N THR C 326 -0.48 -0.53 15.09
CA THR C 326 -0.91 0.59 15.92
C THR C 326 0.30 1.45 16.29
N PHE C 327 0.16 2.78 16.21
CA PHE C 327 1.26 3.71 16.51
C PHE C 327 1.08 4.36 17.88
N ASN C 328 2.14 4.32 18.69
CA ASN C 328 2.27 5.12 19.91
C ASN C 328 1.21 4.83 20.96
N GLN C 329 0.75 3.59 21.06
CA GLN C 329 -0.29 3.27 22.04
C GLN C 329 0.23 2.42 23.19
N GLU C 330 1.52 2.19 23.27
CA GLU C 330 2.10 1.48 24.40
C GLU C 330 2.57 2.48 25.44
N THR C 331 2.59 2.04 26.69
CA THR C 331 3.14 2.86 27.77
C THR C 331 4.57 2.39 28.06
N GLY C 332 5.29 3.19 28.85
CA GLY C 332 6.67 2.86 29.13
C GLY C 332 7.63 3.15 27.99
N CYS C 333 7.29 4.08 27.10
CA CYS C 333 8.14 4.41 25.96
C CYS C 333 7.75 5.78 25.45
N GLU C 334 8.59 6.35 24.60
CA GLU C 334 8.20 7.58 23.93
C GLU C 334 7.40 7.31 22.67
N TYR C 335 7.76 6.24 21.95
CA TYR C 335 7.13 5.87 20.69
C TYR C 335 6.93 4.35 20.65
N SER C 336 5.98 3.91 19.82
CA SER C 336 5.85 2.46 19.64
C SER C 336 5.19 2.13 18.32
N ILE C 337 5.54 0.95 17.80
CA ILE C 337 4.83 0.35 16.67
C ILE C 337 4.47 -1.04 17.12
N THR C 338 3.19 -1.38 17.09
CA THR C 338 2.86 -2.76 17.45
C THR C 338 2.10 -3.43 16.32
N PHE C 339 2.39 -4.71 16.13
CA PHE C 339 1.77 -5.52 15.10
C PHE C 339 0.98 -6.59 15.83
N ASN C 340 -0.34 -6.59 15.63
CA ASN C 340 -1.20 -7.62 16.16
C ASN C 340 -1.66 -8.49 15.00
N PHE C 341 -1.43 -9.79 15.10
CA PHE C 341 -1.84 -10.76 14.08
C PHE C 341 -3.01 -11.55 14.62
N SER C 342 -4.08 -11.69 13.84
CA SER C 342 -5.23 -12.45 14.31
C SER C 342 -5.94 -13.09 13.12
N TRP C 343 -6.73 -14.10 13.40
CA TRP C 343 -7.48 -14.78 12.36
C TRP C 343 -8.75 -15.38 12.95
N SER C 344 -9.69 -15.65 12.06
CA SER C 344 -10.97 -16.17 12.49
C SER C 344 -11.32 -17.53 11.89
N LYS C 345 -10.62 -17.99 10.87
CA LYS C 345 -10.88 -19.32 10.36
C LYS C 345 -10.25 -20.35 11.28
N THR C 346 -10.78 -21.59 11.21
CA THR C 346 -10.24 -22.72 11.96
C THR C 346 -9.15 -23.38 11.12
N TYR C 347 -7.89 -23.02 11.38
CA TYR C 347 -6.81 -23.56 10.57
C TYR C 347 -6.31 -24.87 11.16
N GLU C 348 -5.89 -25.77 10.28
CA GLU C 348 -5.44 -27.09 10.72
C GLU C 348 -4.07 -27.33 10.16
N ASN C 349 -3.06 -27.26 11.03
CA ASN C 349 -1.64 -27.44 10.68
C ASN C 349 -1.18 -26.46 9.61
N VAL C 350 -1.41 -25.17 9.85
CA VAL C 350 -1.01 -24.12 8.90
C VAL C 350 0.22 -23.42 9.47
N GLU C 351 1.29 -23.40 8.68
CA GLU C 351 2.54 -22.80 9.12
C GLU C 351 2.40 -21.28 9.07
N PHE C 352 2.75 -20.60 10.15
CA PHE C 352 2.51 -19.16 10.22
C PHE C 352 3.69 -18.45 9.56
N GLU C 353 3.61 -18.34 8.23
CA GLU C 353 4.54 -17.53 7.45
C GLU C 353 3.69 -16.66 6.55
N THR C 354 3.90 -15.35 6.59
CA THR C 354 2.93 -14.44 5.98
C THR C 354 3.45 -13.93 4.64
N THR C 355 2.52 -13.49 3.79
CA THR C 355 2.87 -12.61 2.68
C THR C 355 3.28 -11.23 3.22
N SER C 356 3.74 -10.35 2.33
CA SER C 356 4.25 -9.04 2.71
C SER C 356 3.16 -7.97 2.61
N PHE C 357 3.26 -6.96 3.47
CA PHE C 357 2.31 -5.85 3.49
C PHE C 357 3.07 -4.53 3.57
N THR C 358 2.61 -3.55 2.79
CA THR C 358 3.17 -2.22 2.77
C THR C 358 2.16 -1.22 3.33
N PHE C 359 2.65 -0.28 4.12
CA PHE C 359 1.82 0.81 4.63
C PHE C 359 2.72 2.02 4.78
N SER C 360 2.15 3.14 5.22
CA SER C 360 3.01 4.27 5.55
C SER C 360 2.49 4.94 6.82
N TYR C 361 3.30 5.83 7.38
CA TYR C 361 2.83 6.61 8.51
C TYR C 361 3.57 7.93 8.54
N ILE C 362 2.99 8.88 9.26
CA ILE C 362 3.55 10.22 9.34
C ILE C 362 4.71 10.22 10.31
N ALA C 363 5.86 10.77 9.89
CA ALA C 363 7.05 10.76 10.71
C ALA C 363 7.10 11.93 11.71
N GLN C 364 7.75 11.66 12.84
CA GLN C 364 7.87 12.66 13.90
C GLN C 364 8.65 13.88 13.42
N GLU C 365 9.72 13.67 12.67
CA GLU C 365 10.48 14.78 12.10
C GLU C 365 10.93 14.51 10.67
#